data_3T9W
#
_entry.id   3T9W
#
_cell.length_a   110.180
_cell.length_b   110.180
_cell.length_c   178.820
_cell.angle_alpha   90.000
_cell.angle_beta   90.000
_cell.angle_gamma   120.000
#
_symmetry.space_group_name_H-M   'H 3 2'
#
loop_
_entity.id
_entity.type
_entity.pdbx_description
1 polymer 'small laccase, multi-copper oxidase'
2 non-polymer 'NICKEL (II) ION'
3 non-polymer 'COPPER (II) ION'
4 non-polymer 'HYDROGEN PEROXIDE'
5 water water
#
_entity_poly.entity_id   1
_entity_poly.type   'polypeptide(L)'
_entity_poly.pdbx_seq_one_letter_code
;MGSSHHHHHHSSGLVPRGSHMPVRAQGTTRRITMYAEKISDELYGYGLAPGGATVPGPVLEMWEGDTLEIDLVNTTDRVL
SLHPHGVDYDVNSDGTLMNGSAVMPGQTRRYTWRSHVGYRRADGSWAEGTAGYWHYHDHAMGTEHGTEGVLKGLYGALVV
RRQGDLLPKRQFTVVFNDMMINNRAHHDAPTFEANLGERVEWIAIGHGSNFHTFHLHGHRWLDNRTGMRTSEYDPSPLID
IKDLNPGVSFGFQVIAGEGVGPGMWMYHCHVQNHSDMGMAGMFLVRNADGTMPAGVHEH
;
_entity_poly.pdbx_strand_id   A
#
# COMPACT_ATOMS: atom_id res chain seq x y z
N GLY A 27 -10.02 9.59 19.51
CA GLY A 27 -9.15 8.66 18.80
C GLY A 27 -8.90 7.35 19.54
N THR A 28 -8.72 6.28 18.79
CA THR A 28 -8.38 4.98 19.34
C THR A 28 -6.87 4.85 19.35
N THR A 29 -6.28 4.41 20.46
CA THR A 29 -4.88 4.03 20.46
C THR A 29 -4.74 2.52 20.38
N ARG A 30 -4.14 2.05 19.29
CA ARG A 30 -3.91 0.62 19.13
C ARG A 30 -2.46 0.31 19.36
N ARG A 31 -2.20 -0.84 19.97
CA ARG A 31 -0.85 -1.24 20.31
C ARG A 31 -0.62 -2.62 19.72
N ILE A 32 0.31 -2.70 18.77
CA ILE A 32 0.55 -3.94 18.05
C ILE A 32 2.02 -4.29 18.04
N THR A 33 2.29 -5.55 17.69
CA THR A 33 3.65 -6.01 17.49
C THR A 33 3.80 -6.42 16.04
N MET A 34 4.85 -5.93 15.40
CA MET A 34 5.17 -6.35 14.05
CA MET A 34 5.18 -6.30 14.03
C MET A 34 6.53 -6.99 14.03
N TYR A 35 6.63 -8.07 13.26
CA TYR A 35 7.87 -8.85 13.13
C TYR A 35 8.52 -8.64 11.78
N ALA A 36 9.76 -8.18 11.76
CA ALA A 36 10.53 -8.15 10.53
C ALA A 36 11.27 -9.47 10.40
N GLU A 37 11.03 -10.17 9.30
CA GLU A 37 11.53 -11.53 9.14
C GLU A 37 12.17 -11.78 7.79
N LYS A 38 13.18 -12.65 7.76
CA LYS A 38 13.70 -13.12 6.49
C LYS A 38 12.81 -14.27 6.06
N ILE A 39 12.08 -14.06 4.97
CA ILE A 39 11.12 -15.06 4.52
C ILE A 39 11.81 -16.17 3.74
N SER A 40 12.71 -15.75 2.87
CA SER A 40 13.45 -16.68 2.04
C SER A 40 14.64 -15.94 1.50
N ASP A 41 15.37 -16.56 0.59
CA ASP A 41 16.49 -15.88 -0.06
C ASP A 41 16.00 -14.59 -0.71
N GLU A 42 16.65 -13.49 -0.36
CA GLU A 42 16.34 -12.18 -0.93
C GLU A 42 14.89 -11.72 -0.76
N LEU A 43 14.19 -12.26 0.24
CA LEU A 43 12.86 -11.76 0.56
C LEU A 43 12.74 -11.52 2.07
N TYR A 44 12.54 -10.26 2.44
CA TYR A 44 12.30 -9.87 3.82
C TYR A 44 10.94 -9.19 3.89
N GLY A 45 10.20 -9.46 4.95
CA GLY A 45 8.89 -8.85 5.10
C GLY A 45 8.48 -8.62 6.54
N TYR A 46 7.39 -7.88 6.72
CA TYR A 46 6.77 -7.65 8.01
C TYR A 46 5.54 -8.55 8.18
N GLY A 47 5.30 -8.99 9.42
CA GLY A 47 4.12 -9.77 9.75
C GLY A 47 3.61 -9.44 11.15
N LEU A 48 2.36 -9.81 11.41
CA LEU A 48 1.72 -9.49 12.68
C LEU A 48 1.91 -10.58 13.74
N ALA A 49 2.48 -11.71 13.32
CA ALA A 49 2.78 -12.80 14.25
C ALA A 49 4.07 -13.47 13.82
N PRO A 50 4.76 -14.12 14.76
CA PRO A 50 6.00 -14.80 14.37
C PRO A 50 5.74 -15.80 13.25
N GLY A 51 6.61 -15.80 12.23
CA GLY A 51 6.46 -16.64 11.07
C GLY A 51 5.42 -16.18 10.07
N GLY A 52 4.79 -15.03 10.35
CA GLY A 52 3.66 -14.58 9.56
C GLY A 52 3.97 -13.49 8.54
N ALA A 53 5.23 -13.16 8.37
CA ALA A 53 5.59 -12.05 7.46
C ALA A 53 5.15 -12.33 6.03
N THR A 54 4.70 -11.26 5.35
CA THR A 54 4.29 -11.34 3.97
C THR A 54 4.88 -10.16 3.22
N VAL A 55 5.00 -10.30 1.90
CA VAL A 55 5.31 -9.19 0.99
C VAL A 55 4.19 -9.01 -0.05
N PRO A 56 3.50 -7.86 -0.06
CA PRO A 56 3.62 -6.72 0.85
C PRO A 56 3.18 -7.10 2.25
N GLY A 57 3.55 -6.28 3.22
CA GLY A 57 3.20 -6.52 4.60
C GLY A 57 1.71 -6.30 4.84
N PRO A 58 1.29 -6.45 6.09
CA PRO A 58 -0.12 -6.26 6.42
C PRO A 58 -0.58 -4.85 6.13
N VAL A 59 -1.84 -4.71 5.70
CA VAL A 59 -2.42 -3.38 5.61
C VAL A 59 -2.77 -2.87 7.00
N LEU A 60 -2.17 -1.74 7.37
CA LEU A 60 -2.46 -1.13 8.65
C LEU A 60 -3.53 -0.06 8.43
N GLU A 61 -4.57 -0.08 9.26
CA GLU A 61 -5.70 0.83 9.11
C GLU A 61 -5.93 1.67 10.35
N MET A 62 -6.15 2.97 10.13
CA MET A 62 -6.42 3.92 11.19
C MET A 62 -7.54 4.83 10.73
N TRP A 63 -8.25 5.45 11.68
CA TRP A 63 -9.14 6.57 11.39
C TRP A 63 -8.48 7.84 11.91
N GLU A 64 -8.73 8.98 11.25
CA GLU A 64 -8.12 10.23 11.66
C GLU A 64 -8.32 10.47 13.15
N GLY A 65 -7.23 10.76 13.83
CA GLY A 65 -7.21 10.97 15.27
C GLY A 65 -6.65 9.79 16.04
N ASP A 66 -6.64 8.61 15.42
CA ASP A 66 -6.12 7.41 16.07
C ASP A 66 -4.61 7.47 16.18
N THR A 67 -4.09 6.68 17.11
CA THR A 67 -2.65 6.51 17.32
C THR A 67 -2.32 5.04 17.17
N LEU A 68 -1.17 4.73 16.58
CA LEU A 68 -0.72 3.37 16.46
C LEU A 68 0.63 3.27 17.12
N GLU A 69 0.73 2.43 18.14
CA GLU A 69 2.02 2.13 18.76
C GLU A 69 2.48 0.77 18.28
N ILE A 70 3.63 0.72 17.63
CA ILE A 70 4.09 -0.51 17.04
C ILE A 70 5.40 -0.94 17.68
N ASP A 71 5.41 -2.15 18.25
CA ASP A 71 6.68 -2.71 18.69
C ASP A 71 7.20 -3.52 17.52
N LEU A 72 8.27 -3.02 16.89
CA LEU A 72 8.89 -3.73 15.79
C LEU A 72 9.98 -4.65 16.33
N VAL A 73 9.77 -5.95 16.16
CA VAL A 73 10.71 -6.97 16.60
C VAL A 73 11.56 -7.36 15.41
N ASN A 74 12.86 -7.09 15.48
CA ASN A 74 13.71 -7.43 14.34
C ASN A 74 14.28 -8.83 14.56
N THR A 75 13.76 -9.79 13.81
CA THR A 75 14.14 -11.21 14.02
C THR A 75 15.28 -11.58 13.10
N THR A 76 15.77 -10.60 12.34
CA THR A 76 16.81 -10.86 11.35
C THR A 76 18.20 -10.59 11.89
N ASP A 77 19.19 -10.86 11.06
CA ASP A 77 20.61 -10.59 11.35
C ASP A 77 21.05 -9.23 10.81
N ARG A 78 20.10 -8.43 10.33
CA ARG A 78 20.40 -7.17 9.67
C ARG A 78 19.79 -5.99 10.41
N VAL A 79 20.46 -4.84 10.34
CA VAL A 79 19.85 -3.60 10.79
C VAL A 79 18.76 -3.22 9.80
N LEU A 80 17.58 -2.87 10.32
CA LEU A 80 16.47 -2.41 9.47
C LEU A 80 15.56 -1.53 10.33
N SER A 81 14.49 -1.00 9.73
CA SER A 81 13.64 -0.11 10.49
C SER A 81 12.23 -0.15 9.96
N LEU A 82 11.39 0.73 10.52
CA LEU A 82 10.03 0.91 10.04
C LEU A 82 9.78 2.40 9.98
N HIS A 83 9.32 2.88 8.82
CA HIS A 83 9.09 4.30 8.64
C HIS A 83 7.81 4.53 7.84
N PRO A 84 6.95 5.46 8.28
CA PRO A 84 5.74 5.71 7.50
C PRO A 84 5.77 6.98 6.65
N HIS A 85 4.78 7.10 5.80
CA HIS A 85 4.45 8.36 5.15
C HIS A 85 3.15 8.84 5.74
N GLY A 86 2.98 10.15 5.76
CA GLY A 86 1.69 10.82 5.96
C GLY A 86 1.21 11.02 7.40
N VAL A 87 1.52 10.07 8.28
CA VAL A 87 1.11 10.16 9.68
C VAL A 87 2.02 11.09 10.46
N ASP A 88 1.54 11.57 11.61
CA ASP A 88 2.36 12.39 12.51
C ASP A 88 3.30 11.49 13.32
N TYR A 89 4.59 11.68 13.18
CA TYR A 89 5.56 10.97 14.01
C TYR A 89 6.65 11.98 14.37
N ASP A 90 7.24 11.85 15.55
CA ASP A 90 8.39 12.72 15.85
C ASP A 90 9.71 12.10 15.38
N VAL A 91 10.82 12.82 15.51
CA VAL A 91 12.06 12.30 14.95
C VAL A 91 12.49 10.98 15.56
N ASN A 92 12.08 10.73 16.81
CA ASN A 92 12.47 9.49 17.47
C ASN A 92 11.78 8.26 16.87
N SER A 93 10.68 8.51 16.18
CA SER A 93 9.95 7.50 15.43
C SER A 93 10.20 7.48 13.92
N ASP A 94 11.16 8.26 13.44
CA ASP A 94 11.31 8.38 12.00
C ASP A 94 11.93 7.17 11.28
N GLY A 95 12.46 6.21 12.04
CA GLY A 95 12.99 5.01 11.43
C GLY A 95 14.32 5.21 10.72
N THR A 96 15.02 6.29 11.03
CA THR A 96 16.31 6.52 10.36
C THR A 96 17.48 6.34 11.30
N LEU A 97 18.61 5.95 10.73
CA LEU A 97 19.85 5.84 11.48
C LEU A 97 20.27 7.18 12.09
N MET A 98 20.15 8.26 11.35
N MET A 98 20.11 8.24 11.31
CA MET A 98 20.68 9.51 11.88
CA MET A 98 20.54 9.58 11.71
C MET A 98 19.93 9.96 13.13
C MET A 98 19.90 10.02 13.02
N ASN A 99 18.63 9.73 13.16
CA ASN A 99 17.83 10.08 14.35
C ASN A 99 17.75 8.97 15.40
N GLY A 100 18.53 7.90 15.22
CA GLY A 100 18.68 6.85 16.23
C GLY A 100 17.44 5.99 16.36
N SER A 101 16.72 5.93 15.24
CA SER A 101 15.43 5.27 15.09
C SER A 101 15.41 3.89 14.43
N ALA A 102 16.56 3.30 14.14
CA ALA A 102 16.59 1.96 13.53
C ALA A 102 16.56 0.86 14.58
N VAL A 103 16.55 -0.40 14.13
CA VAL A 103 16.43 -1.53 15.04
C VAL A 103 17.57 -2.53 14.81
N MET A 104 18.35 -2.78 15.85
CA MET A 104 19.47 -3.71 15.73
C MET A 104 18.96 -5.14 15.69
N PRO A 105 19.75 -6.05 15.12
CA PRO A 105 19.33 -7.46 15.05
C PRO A 105 18.91 -7.99 16.42
N GLY A 106 17.77 -8.66 16.43
CA GLY A 106 17.24 -9.28 17.63
C GLY A 106 16.51 -8.36 18.58
N GLN A 107 16.53 -7.06 18.31
CA GLN A 107 15.98 -6.11 19.25
C GLN A 107 14.56 -5.68 18.88
N THR A 108 13.96 -4.90 19.77
CA THR A 108 12.61 -4.39 19.59
C THR A 108 12.63 -2.88 19.80
N ARG A 109 11.96 -2.16 18.91
CA ARG A 109 11.84 -0.71 19.04
C ARG A 109 10.35 -0.32 18.99
N ARG A 110 9.94 0.57 19.87
CA ARG A 110 8.57 1.08 19.83
C ARG A 110 8.51 2.33 18.96
N TYR A 111 7.68 2.25 17.92
CA TYR A 111 7.41 3.42 17.10
C TYR A 111 6.00 3.90 17.41
N THR A 112 5.81 5.22 17.42
CA THR A 112 4.50 5.81 17.70
C THR A 112 4.06 6.70 16.53
N TRP A 113 2.94 6.33 15.91
CA TRP A 113 2.39 7.09 14.79
C TRP A 113 1.09 7.71 15.21
N ARG A 114 1.00 9.03 15.17
CA ARG A 114 -0.24 9.70 15.51
CA ARG A 114 -0.24 9.70 15.50
C ARG A 114 -0.94 10.19 14.24
N SER A 115 -2.16 10.70 14.40
CA SER A 115 -2.86 11.28 13.27
C SER A 115 -3.85 12.26 13.83
N HIS A 116 -4.53 13.01 12.97
CA HIS A 116 -5.43 14.06 13.45
C HIS A 116 -6.55 14.33 12.48
N VAL A 117 -7.71 14.73 13.02
CA VAL A 117 -8.77 15.31 12.19
C VAL A 117 -8.37 16.75 11.84
N GLY A 118 -8.96 17.30 10.79
CA GLY A 118 -8.65 18.67 10.42
C GLY A 118 -9.04 19.65 11.51
N TYR A 119 -8.30 20.75 11.61
CA TYR A 119 -8.60 21.80 12.59
C TYR A 119 -8.28 23.21 12.07
N ARG A 120 -8.93 24.21 12.67
CA ARG A 120 -8.74 25.60 12.29
C ARG A 120 -7.55 26.20 13.03
N ARG A 121 -6.59 26.73 12.28
CA ARG A 121 -5.43 27.40 12.86
C ARG A 121 -5.75 28.82 13.29
N ALA A 122 -4.97 29.33 14.25
CA ALA A 122 -5.10 30.70 14.72
C ALA A 122 -5.05 31.70 13.58
N ASP A 123 -4.29 31.39 12.52
CA ASP A 123 -4.12 32.31 11.40
C ASP A 123 -5.28 32.18 10.40
N GLY A 124 -6.24 31.31 10.72
CA GLY A 124 -7.45 31.20 9.94
C GLY A 124 -7.37 30.15 8.84
N SER A 125 -6.20 29.58 8.62
CA SER A 125 -6.10 28.53 7.61
C SER A 125 -6.57 27.22 8.22
N TRP A 126 -6.63 26.18 7.40
CA TRP A 126 -7.14 24.90 7.84
C TRP A 126 -6.01 23.89 7.85
N ALA A 127 -5.74 23.31 9.01
CA ALA A 127 -4.80 22.20 9.08
C ALA A 127 -5.57 20.95 8.65
N GLU A 128 -5.12 20.34 7.55
CA GLU A 128 -5.86 19.22 6.98
C GLU A 128 -5.69 17.97 7.82
N GLY A 129 -6.77 17.20 7.93
CA GLY A 129 -6.72 15.89 8.56
C GLY A 129 -5.80 14.95 7.82
N THR A 130 -5.33 13.92 8.52
CA THR A 130 -4.34 12.98 8.00
C THR A 130 -4.84 12.05 6.90
N ALA A 131 -6.15 11.95 6.68
CA ALA A 131 -6.68 10.87 5.85
C ALA A 131 -6.01 10.75 4.49
N GLY A 132 -5.68 9.50 4.14
CA GLY A 132 -5.11 9.24 2.82
C GLY A 132 -4.67 7.79 2.69
N TYR A 133 -4.29 7.42 1.47
CA TYR A 133 -3.68 6.12 1.24
C TYR A 133 -2.18 6.34 1.30
N TRP A 134 -1.60 5.83 2.38
CA TRP A 134 -0.20 6.04 2.72
C TRP A 134 0.46 4.67 2.71
N HIS A 135 1.71 4.63 3.15
CA HIS A 135 2.47 3.38 3.18
C HIS A 135 3.59 3.47 4.19
N TYR A 136 4.18 2.32 4.50
CA TYR A 136 5.32 2.24 5.42
C TYR A 136 6.38 1.33 4.80
N HIS A 137 7.63 1.53 5.18
CA HIS A 137 8.70 0.70 4.62
C HIS A 137 9.96 0.80 5.46
N ASP A 138 10.96 0.00 5.10
CA ASP A 138 12.27 0.07 5.76
C ASP A 138 13.03 1.31 5.32
N HIS A 139 13.62 2.02 6.27
CA HIS A 139 14.54 3.14 5.98
C HIS A 139 16.02 2.94 6.32
N ALA A 140 16.34 1.81 6.92
CA ALA A 140 17.72 1.52 7.37
C ALA A 140 18.56 0.39 6.76
N MET A 141 17.97 -0.47 5.93
CA MET A 141 18.68 -1.68 5.51
C MET A 141 19.45 -1.42 4.23
N GLY A 142 20.76 -1.57 4.34
CA GLY A 142 21.72 -1.50 3.25
C GLY A 142 22.19 -0.09 2.96
N THR A 143 21.32 0.89 3.15
CA THR A 143 21.65 2.31 3.04
C THR A 143 20.73 3.09 3.96
N GLU A 144 21.08 4.35 4.21
CA GLU A 144 20.30 5.19 5.09
CA GLU A 144 20.31 5.23 5.07
C GLU A 144 18.96 5.58 4.44
N HIS A 145 18.75 5.17 3.18
CA HIS A 145 17.43 5.25 2.53
C HIS A 145 16.63 3.95 2.46
N GLY A 146 17.16 2.90 3.09
CA GLY A 146 16.52 1.59 3.11
C GLY A 146 16.50 0.89 1.76
N THR A 147 17.49 1.16 0.93
CA THR A 147 17.45 0.63 -0.42
C THR A 147 17.35 -0.89 -0.49
N GLU A 148 18.14 -1.59 0.32
CA GLU A 148 18.09 -3.05 0.31
C GLU A 148 16.80 -3.58 0.95
N GLY A 149 16.31 -2.92 2.00
CA GLY A 149 15.08 -3.37 2.64
C GLY A 149 13.88 -3.26 1.70
N VAL A 150 13.76 -2.11 1.05
CA VAL A 150 12.72 -1.92 0.05
C VAL A 150 12.89 -2.91 -1.10
N LEU A 151 14.12 -3.04 -1.60
CA LEU A 151 14.36 -3.99 -2.68
C LEU A 151 13.84 -5.38 -2.36
N LYS A 152 14.00 -5.79 -1.11
CA LYS A 152 13.72 -7.16 -0.70
C LYS A 152 12.35 -7.40 -0.10
N GLY A 153 11.49 -6.37 -0.09
CA GLY A 153 10.12 -6.53 0.35
C GLY A 153 9.61 -5.91 1.63
N LEU A 154 10.41 -5.06 2.31
CA LEU A 154 9.84 -4.53 3.53
C LEU A 154 9.12 -3.24 3.17
N TYR A 155 7.83 -3.45 2.88
CA TYR A 155 6.92 -2.36 2.54
C TYR A 155 5.50 -2.87 2.75
N GLY A 156 4.58 -1.95 2.98
CA GLY A 156 3.17 -2.30 3.13
C GLY A 156 2.31 -1.05 3.15
N ALA A 157 1.00 -1.23 3.01
CA ALA A 157 0.06 -0.10 2.97
C ALA A 157 -0.38 0.41 4.34
N LEU A 158 -0.58 1.72 4.43
CA LEU A 158 -1.10 2.34 5.63
C LEU A 158 -2.29 3.20 5.23
N VAL A 159 -3.49 2.81 5.63
CA VAL A 159 -4.69 3.49 5.16
C VAL A 159 -5.25 4.26 6.34
N VAL A 160 -5.32 5.58 6.20
CA VAL A 160 -5.92 6.43 7.22
C VAL A 160 -7.24 6.97 6.68
N ARG A 161 -8.33 6.59 7.35
CA ARG A 161 -9.69 6.88 6.87
C ARG A 161 -10.33 8.08 7.54
N ARG A 162 -11.23 8.75 6.81
CA ARG A 162 -12.02 9.86 7.36
C ARG A 162 -13.38 9.33 7.79
N GLN A 163 -13.89 9.88 8.89
CA GLN A 163 -15.21 9.49 9.39
C GLN A 163 -16.20 9.61 8.24
N GLY A 164 -16.98 8.55 8.04
CA GLY A 164 -17.96 8.50 6.97
C GLY A 164 -17.52 7.78 5.70
N ASP A 165 -16.22 7.54 5.55
CA ASP A 165 -15.72 6.85 4.35
C ASP A 165 -16.37 5.49 4.18
N LEU A 166 -16.60 5.11 2.93
CA LEU A 166 -17.10 3.76 2.63
C LEU A 166 -16.01 2.71 2.79
N LEU A 167 -16.38 1.52 3.22
CA LEU A 167 -15.40 0.47 3.49
C LEU A 167 -15.58 -0.66 2.48
N PRO A 168 -14.46 -1.28 2.09
CA PRO A 168 -14.40 -2.33 1.07
C PRO A 168 -14.73 -3.75 1.53
N LYS A 169 -15.23 -4.54 0.59
CA LYS A 169 -15.38 -5.98 0.79
C LYS A 169 -14.05 -6.72 0.52
N ARG A 170 -13.32 -6.25 -0.50
CA ARG A 170 -12.02 -6.85 -0.85
C ARG A 170 -11.01 -5.73 -0.88
N GLN A 171 -9.76 -6.06 -0.54
CA GLN A 171 -8.70 -5.06 -0.48
C GLN A 171 -7.41 -5.63 -1.04
N PHE A 172 -6.81 -4.93 -2.01
CA PHE A 172 -5.60 -5.41 -2.68
C PHE A 172 -4.51 -4.36 -2.54
N THR A 173 -3.29 -4.79 -2.21
CA THR A 173 -2.12 -3.90 -2.25
C THR A 173 -1.29 -4.27 -3.47
N VAL A 174 -1.04 -3.29 -4.34
N VAL A 174 -1.02 -3.31 -4.34
CA VAL A 174 -0.25 -3.51 -5.54
CA VAL A 174 -0.22 -3.58 -5.53
C VAL A 174 0.99 -2.64 -5.45
C VAL A 174 1.00 -2.66 -5.55
N VAL A 175 2.16 -3.27 -5.40
CA VAL A 175 3.41 -2.51 -5.30
C VAL A 175 4.25 -2.74 -6.53
N PHE A 176 4.55 -1.66 -7.24
CA PHE A 176 5.46 -1.76 -8.36
C PHE A 176 6.85 -1.41 -7.80
N ASN A 177 7.69 -2.43 -7.65
CA ASN A 177 9.00 -2.27 -7.01
C ASN A 177 10.04 -2.65 -8.03
N ASP A 178 10.79 -1.66 -8.49
CA ASP A 178 11.63 -1.81 -9.66
C ASP A 178 10.79 -2.46 -10.74
N MET A 179 11.20 -3.60 -11.27
CA MET A 179 10.49 -4.31 -12.33
C MET A 179 9.52 -5.40 -11.85
N MET A 180 9.30 -5.47 -10.55
CA MET A 180 8.51 -6.54 -9.93
C MET A 180 7.17 -6.01 -9.45
N ILE A 181 6.18 -6.89 -9.40
CA ILE A 181 4.92 -6.58 -8.73
C ILE A 181 4.90 -7.42 -7.45
N ASN A 182 4.92 -6.75 -6.30
CA ASN A 182 4.89 -7.42 -5.00
C ASN A 182 6.05 -8.42 -4.85
N ASN A 183 7.16 -8.12 -5.49
CA ASN A 183 8.37 -8.95 -5.47
C ASN A 183 8.13 -10.38 -5.97
N ARG A 184 7.11 -10.57 -6.78
CA ARG A 184 6.84 -11.88 -7.37
CA ARG A 184 6.84 -11.89 -7.34
C ARG A 184 7.80 -12.18 -8.49
N ALA A 185 8.00 -13.47 -8.78
CA ALA A 185 8.78 -13.87 -9.95
C ALA A 185 8.00 -13.42 -11.18
N HIS A 186 8.68 -13.26 -12.32
CA HIS A 186 8.09 -12.58 -13.47
C HIS A 186 6.86 -13.25 -14.12
N HIS A 187 6.69 -14.56 -13.90
CA HIS A 187 5.48 -15.26 -14.36
C HIS A 187 4.40 -15.26 -13.28
N ASP A 188 4.79 -14.85 -12.08
CA ASP A 188 4.01 -14.97 -10.85
C ASP A 188 3.17 -13.76 -10.39
N ALA A 189 3.01 -12.73 -11.23
CA ALA A 189 2.29 -11.54 -10.78
C ALA A 189 0.97 -11.93 -10.10
N PRO A 190 0.60 -11.21 -9.04
CA PRO A 190 -0.57 -11.57 -8.24
C PRO A 190 -1.88 -11.54 -9.04
N THR A 191 -2.70 -12.54 -8.80
CA THR A 191 -4.09 -12.55 -9.25
C THR A 191 -4.94 -12.09 -8.09
N PHE A 192 -5.72 -11.04 -8.28
CA PHE A 192 -6.61 -10.53 -7.25
C PHE A 192 -8.04 -10.89 -7.65
N GLU A 193 -8.86 -11.30 -6.67
CA GLU A 193 -10.19 -11.81 -7.00
C GLU A 193 -11.29 -11.12 -6.22
N ALA A 194 -12.39 -10.86 -6.91
CA ALA A 194 -13.58 -10.32 -6.29
C ALA A 194 -14.81 -10.90 -7.00
N ASN A 195 -15.98 -10.74 -6.38
CA ASN A 195 -17.22 -11.17 -7.01
C ASN A 195 -17.92 -9.97 -7.61
N LEU A 196 -18.61 -10.21 -8.72
CA LEU A 196 -19.30 -9.14 -9.43
C LEU A 196 -20.14 -8.33 -8.45
N GLY A 197 -19.96 -7.01 -8.50
CA GLY A 197 -20.75 -6.13 -7.65
C GLY A 197 -20.15 -5.74 -6.31
N GLU A 198 -19.09 -6.43 -5.90
CA GLU A 198 -18.43 -6.11 -4.63
C GLU A 198 -17.66 -4.79 -4.66
N ARG A 199 -17.62 -4.11 -3.53
CA ARG A 199 -16.80 -2.90 -3.39
C ARG A 199 -15.37 -3.34 -3.12
N VAL A 200 -14.45 -2.94 -4.01
CA VAL A 200 -13.07 -3.39 -3.97
C VAL A 200 -12.15 -2.19 -3.81
N GLU A 201 -11.22 -2.29 -2.87
CA GLU A 201 -10.25 -1.21 -2.65
C GLU A 201 -8.88 -1.63 -3.17
N TRP A 202 -8.27 -0.73 -3.95
CA TRP A 202 -6.92 -0.93 -4.45
C TRP A 202 -5.99 0.09 -3.78
N ILE A 203 -4.85 -0.39 -3.26
CA ILE A 203 -3.82 0.52 -2.74
C ILE A 203 -2.59 0.30 -3.58
N ALA A 204 -2.18 1.37 -4.27
CA ALA A 204 -1.04 1.30 -5.17
C ALA A 204 0.17 2.02 -4.56
N ILE A 205 1.32 1.35 -4.58
CA ILE A 205 2.57 1.90 -4.03
C ILE A 205 3.70 1.70 -5.02
N GLY A 206 4.46 2.75 -5.32
CA GLY A 206 5.69 2.58 -6.09
C GLY A 206 6.92 2.51 -5.20
N HIS A 207 7.95 1.80 -5.64
CA HIS A 207 9.22 1.73 -4.91
C HIS A 207 10.35 1.48 -5.89
N GLY A 208 11.56 1.78 -5.45
CA GLY A 208 12.72 1.45 -6.25
C GLY A 208 13.23 2.59 -7.10
N SER A 209 13.83 2.19 -8.20
CA SER A 209 14.49 3.09 -9.15
C SER A 209 13.91 3.36 -10.52
N ASN A 210 12.73 2.80 -10.80
CA ASN A 210 12.16 2.83 -12.14
C ASN A 210 10.83 3.58 -12.14
N PHE A 211 10.43 4.06 -13.31
CA PHE A 211 9.16 4.79 -13.47
C PHE A 211 8.09 3.87 -14.06
N HIS A 212 6.83 4.12 -13.66
CA HIS A 212 5.74 3.22 -14.03
C HIS A 212 4.41 3.95 -14.19
N THR A 213 3.46 3.33 -14.89
CA THR A 213 2.08 3.82 -14.94
C THR A 213 1.15 2.65 -14.64
N PHE A 214 0.38 2.75 -13.56
CA PHE A 214 -0.53 1.68 -13.16
C PHE A 214 -1.86 1.80 -13.86
N HIS A 215 -2.28 0.74 -14.54
CA HIS A 215 -3.51 0.76 -15.34
C HIS A 215 -4.39 -0.45 -15.03
N LEU A 216 -5.70 -0.23 -14.92
CA LEU A 216 -6.66 -1.30 -14.68
C LEU A 216 -7.65 -1.38 -15.85
N HIS A 217 -7.70 -2.52 -16.55
CA HIS A 217 -8.71 -2.70 -17.61
C HIS A 217 -10.10 -2.75 -17.01
N GLY A 218 -11.06 -2.17 -17.73
CA GLY A 218 -12.48 -2.33 -17.42
C GLY A 218 -13.01 -1.61 -16.20
N HIS A 219 -12.15 -0.84 -15.54
CA HIS A 219 -12.51 -0.14 -14.33
C HIS A 219 -11.89 1.24 -14.34
N ARG A 220 -12.46 2.15 -13.55
CA ARG A 220 -12.02 3.54 -13.53
C ARG A 220 -12.37 4.17 -12.20
N TRP A 221 -11.71 5.27 -11.87
CA TRP A 221 -11.94 5.92 -10.58
C TRP A 221 -11.67 7.41 -10.71
N LEU A 222 -12.22 8.20 -9.78
CA LEU A 222 -12.02 9.63 -9.83
C LEU A 222 -10.65 9.97 -9.23
N ASP A 223 -9.92 10.94 -9.79
CA ASP A 223 -8.58 11.13 -9.27
C ASP A 223 -8.67 12.17 -8.16
N ASN A 224 -8.81 11.63 -6.95
CA ASN A 224 -8.96 12.40 -5.71
C ASN A 224 -8.63 11.43 -4.60
N ARG A 225 -8.90 11.77 -3.34
CA ARG A 225 -8.47 10.90 -2.25
C ARG A 225 -9.07 9.49 -2.31
N THR A 226 -10.40 9.42 -2.37
CA THR A 226 -11.10 8.12 -2.27
C THR A 226 -11.43 7.43 -3.60
N GLY A 227 -11.28 8.14 -4.70
CA GLY A 227 -11.69 7.60 -6.00
C GLY A 227 -13.16 7.83 -6.33
N MET A 228 -13.86 8.52 -5.44
N MET A 228 -13.87 8.54 -5.46
CA MET A 228 -15.30 8.75 -5.59
CA MET A 228 -15.30 8.76 -5.69
C MET A 228 -15.64 10.22 -5.37
C MET A 228 -15.67 10.19 -5.35
N ARG A 229 -16.70 10.69 -6.03
CA ARG A 229 -17.08 12.09 -5.95
C ARG A 229 -17.48 12.50 -4.53
N THR A 230 -16.82 13.54 -4.03
CA THR A 230 -17.06 14.05 -2.67
C THR A 230 -18.24 15.04 -2.56
N SER A 231 -18.60 15.68 -3.67
CA SER A 231 -19.68 16.66 -3.71
C SER A 231 -20.03 16.99 -5.14
N GLU A 232 -21.04 17.83 -5.33
CA GLU A 232 -21.44 18.25 -6.68
C GLU A 232 -20.36 19.10 -7.35
N TYR A 233 -19.47 19.68 -6.55
CA TYR A 233 -18.47 20.60 -7.10
C TYR A 233 -17.11 19.97 -7.41
N ASP A 234 -16.98 18.67 -7.16
CA ASP A 234 -15.69 17.99 -7.35
C ASP A 234 -15.34 17.97 -8.84
N PRO A 235 -14.28 18.71 -9.25
CA PRO A 235 -13.65 18.84 -10.57
C PRO A 235 -12.78 17.66 -11.03
N SER A 236 -12.44 16.75 -10.12
CA SER A 236 -11.46 15.70 -10.39
C SER A 236 -11.83 14.89 -11.62
N PRO A 237 -10.86 14.67 -12.51
CA PRO A 237 -11.09 13.83 -13.70
C PRO A 237 -11.25 12.36 -13.37
N LEU A 238 -12.02 11.65 -14.19
CA LEU A 238 -12.10 10.20 -14.13
C LEU A 238 -10.90 9.67 -14.90
N ILE A 239 -10.20 8.69 -14.32
CA ILE A 239 -9.00 8.11 -14.92
C ILE A 239 -9.02 6.59 -14.78
N ASP A 240 -8.35 5.88 -15.69
CA ASP A 240 -8.02 4.46 -15.52
C ASP A 240 -6.55 4.10 -15.34
N ILE A 241 -5.70 5.11 -15.28
CA ILE A 241 -4.25 4.90 -15.24
C ILE A 241 -3.64 6.08 -14.50
N LYS A 242 -2.56 5.84 -13.77
N LYS A 242 -2.56 5.84 -13.78
CA LYS A 242 -1.90 6.88 -12.98
CA LYS A 242 -1.88 6.91 -13.06
C LYS A 242 -0.42 6.55 -12.82
C LYS A 242 -0.41 6.56 -12.85
N ASP A 243 0.44 7.57 -12.88
CA ASP A 243 1.88 7.39 -12.60
C ASP A 243 2.06 6.72 -11.25
N LEU A 244 2.93 5.72 -11.15
CA LEU A 244 3.24 5.18 -9.83
C LEU A 244 4.74 5.08 -9.74
N ASN A 245 5.35 6.11 -9.20
CA ASN A 245 6.80 6.20 -9.18
C ASN A 245 7.32 5.98 -7.76
N PRO A 246 8.64 5.92 -7.59
CA PRO A 246 9.11 5.50 -6.27
C PRO A 246 8.69 6.42 -5.13
N GLY A 247 8.14 5.79 -4.09
CA GLY A 247 7.66 6.48 -2.89
C GLY A 247 6.21 6.97 -2.95
N VAL A 248 5.63 6.94 -4.14
CA VAL A 248 4.28 7.43 -4.33
C VAL A 248 3.24 6.37 -3.95
N SER A 249 2.16 6.80 -3.30
CA SER A 249 1.02 5.91 -3.04
C SER A 249 -0.29 6.64 -3.32
N PHE A 250 -1.29 5.86 -3.71
CA PHE A 250 -2.64 6.36 -3.86
C PHE A 250 -3.59 5.17 -3.72
N GLY A 251 -4.88 5.43 -3.56
CA GLY A 251 -5.80 4.31 -3.50
C GLY A 251 -7.15 4.74 -4.02
N PHE A 252 -8.03 3.75 -4.22
CA PHE A 252 -9.38 4.05 -4.65
C PHE A 252 -10.25 2.83 -4.44
N GLN A 253 -11.55 2.99 -4.65
CA GLN A 253 -12.46 1.86 -4.63
C GLN A 253 -13.21 1.84 -5.94
N VAL A 254 -13.54 0.63 -6.40
CA VAL A 254 -14.41 0.46 -7.53
C VAL A 254 -15.44 -0.60 -7.20
N ILE A 255 -16.50 -0.67 -7.99
CA ILE A 255 -17.44 -1.77 -7.91
C ILE A 255 -17.05 -2.79 -8.96
N ALA A 256 -16.69 -4.00 -8.51
CA ALA A 256 -16.14 -5.00 -9.42
C ALA A 256 -17.09 -5.29 -10.57
N GLY A 257 -16.59 -5.15 -11.80
CA GLY A 257 -17.38 -5.42 -12.99
C GLY A 257 -18.51 -4.44 -13.27
N GLU A 258 -18.52 -3.29 -12.62
CA GLU A 258 -19.64 -2.39 -12.81
C GLU A 258 -19.73 -1.92 -14.26
N GLY A 259 -20.87 -2.17 -14.90
CA GLY A 259 -21.10 -1.77 -16.27
C GLY A 259 -20.31 -2.58 -17.30
N VAL A 260 -19.36 -3.36 -16.83
CA VAL A 260 -18.56 -4.21 -17.71
C VAL A 260 -18.69 -5.75 -17.65
N GLY A 261 -19.35 -6.26 -16.62
CA GLY A 261 -19.47 -7.70 -16.42
C GLY A 261 -18.27 -8.42 -15.81
N PRO A 262 -18.44 -9.71 -15.49
CA PRO A 262 -17.41 -10.58 -14.93
C PRO A 262 -16.40 -11.02 -15.98
N GLY A 263 -15.27 -11.54 -15.51
CA GLY A 263 -14.28 -12.08 -16.42
C GLY A 263 -12.88 -11.85 -15.89
N MET A 264 -11.89 -12.16 -16.73
CA MET A 264 -10.50 -11.91 -16.37
CA MET A 264 -10.49 -11.92 -16.39
C MET A 264 -10.09 -10.53 -16.90
N TRP A 265 -9.91 -9.60 -15.97
CA TRP A 265 -9.58 -8.19 -16.27
C TRP A 265 -8.12 -7.80 -15.95
N MET A 266 -7.34 -7.48 -16.96
CA MET A 266 -5.91 -7.25 -16.74
C MET A 266 -5.66 -5.99 -15.88
N TYR A 267 -4.63 -6.02 -15.03
CA TYR A 267 -4.03 -4.78 -14.53
C TYR A 267 -2.58 -4.86 -14.94
N HIS A 268 -1.98 -3.74 -15.34
CA HIS A 268 -0.58 -3.79 -15.78
C HIS A 268 0.09 -2.44 -15.70
N CYS A 269 1.43 -2.45 -15.67
CA CYS A 269 2.16 -1.23 -15.95
C CYS A 269 2.02 -0.97 -17.45
N HIS A 270 1.79 0.27 -17.85
CA HIS A 270 1.53 0.55 -19.28
C HIS A 270 2.81 0.90 -20.02
N VAL A 271 3.95 0.93 -19.31
CA VAL A 271 5.23 1.09 -19.99
C VAL A 271 5.46 -0.22 -20.77
N GLN A 272 5.63 -0.13 -22.09
CA GLN A 272 5.49 -1.33 -22.92
C GLN A 272 6.55 -2.36 -22.60
N ASN A 273 7.79 -1.96 -22.44
N ASN A 273 7.78 -1.91 -22.41
CA ASN A 273 8.78 -2.98 -22.12
CA ASN A 273 8.85 -2.84 -22.07
C ASN A 273 8.60 -3.60 -20.73
C ASN A 273 8.62 -3.55 -20.75
N HIS A 274 7.97 -2.86 -19.81
CA HIS A 274 7.65 -3.44 -18.50
C HIS A 274 6.55 -4.48 -18.58
N SER A 275 5.43 -4.15 -19.23
CA SER A 275 4.36 -5.12 -19.30
C SER A 275 4.85 -6.38 -20.03
N ASP A 276 5.67 -6.19 -21.06
CA ASP A 276 6.17 -7.34 -21.85
C ASP A 276 7.08 -8.23 -21.02
N MET A 277 7.77 -7.66 -20.04
CA MET A 277 8.69 -8.45 -19.21
CA MET A 277 8.69 -8.43 -19.20
C MET A 277 7.99 -9.04 -17.99
N GLY A 278 6.68 -8.84 -17.94
CA GLY A 278 5.86 -9.35 -16.85
C GLY A 278 5.24 -8.45 -15.80
N MET A 279 5.27 -7.11 -15.93
CA MET A 279 4.48 -6.45 -14.92
C MET A 279 3.09 -6.34 -15.54
N ALA A 280 2.35 -7.41 -15.32
CA ALA A 280 0.94 -7.50 -15.69
C ALA A 280 0.40 -8.64 -14.86
N GLY A 281 -0.84 -8.53 -14.43
CA GLY A 281 -1.45 -9.56 -13.61
C GLY A 281 -2.93 -9.54 -13.87
N MET A 282 -3.67 -10.38 -13.17
CA MET A 282 -5.10 -10.46 -13.44
C MET A 282 -5.95 -10.03 -12.27
N PHE A 283 -7.03 -9.31 -12.59
CA PHE A 283 -8.09 -9.01 -11.66
C PHE A 283 -9.25 -9.89 -12.09
N LEU A 284 -9.51 -10.95 -11.33
CA LEU A 284 -10.55 -11.90 -11.73
C LEU A 284 -11.84 -11.49 -11.06
N VAL A 285 -12.83 -11.13 -11.88
CA VAL A 285 -14.13 -10.78 -11.35
C VAL A 285 -15.05 -11.97 -11.59
N ARG A 286 -15.40 -12.66 -10.52
CA ARG A 286 -16.25 -13.84 -10.60
CA ARG A 286 -16.25 -13.84 -10.61
C ARG A 286 -17.72 -13.42 -10.72
N ASN A 287 -18.60 -14.40 -10.85
CA ASN A 287 -20.02 -14.11 -10.81
C ASN A 287 -20.39 -13.64 -9.40
N ALA A 288 -21.53 -12.96 -9.28
CA ALA A 288 -21.98 -12.44 -7.99
C ALA A 288 -21.97 -13.52 -6.91
N ASP A 289 -22.24 -14.76 -7.33
CA ASP A 289 -22.38 -15.88 -6.39
C ASP A 289 -21.05 -16.59 -6.13
N GLY A 290 -19.97 -16.06 -6.71
CA GLY A 290 -18.64 -16.57 -6.45
C GLY A 290 -18.17 -17.62 -7.44
N THR A 291 -19.06 -18.02 -8.34
CA THR A 291 -18.69 -19.00 -9.36
C THR A 291 -17.85 -18.39 -10.48
N MET A 292 -17.08 -19.26 -11.15
CA MET A 292 -16.22 -18.85 -12.24
C MET A 292 -17.06 -18.48 -13.47
N PRO A 293 -16.80 -17.31 -14.07
CA PRO A 293 -17.55 -16.92 -15.28
C PRO A 293 -17.34 -17.92 -16.41
N ALA A 294 -18.38 -18.16 -17.19
CA ALA A 294 -18.38 -19.18 -18.23
C ALA A 294 -17.18 -19.12 -19.17
N GLY A 295 -16.88 -17.93 -19.67
CA GLY A 295 -15.84 -17.76 -20.67
C GLY A 295 -14.46 -18.17 -20.20
N VAL A 296 -14.26 -18.21 -18.90
CA VAL A 296 -12.98 -18.62 -18.33
C VAL A 296 -12.98 -20.14 -18.12
#